data_6FTP
#
_entry.id   6FTP
#
_cell.length_a   84.240
_cell.length_b   84.240
_cell.length_c   97.443
_cell.angle_alpha   90.00
_cell.angle_beta   90.00
_cell.angle_gamma   120.00
#
_symmetry.space_group_name_H-M   'P 31 2 1'
#
loop_
_entity.id
_entity.type
_entity.pdbx_description
1 polymer Alpha-1-antichymotrypsin
2 polymer Alpha-1-antichymotrypsin
3 non-polymer 1,2-ETHANEDIOL
4 non-polymer DOXORUBICIN
5 water water
#
loop_
_entity_poly.entity_id
_entity_poly.type
_entity_poly.pdbx_seq_one_letter_code
_entity_poly.pdbx_strand_id
1 'polypeptide(L)'
;MKHHHHHHMKQNSPLDEENLTQENQDRGTHVDRGLASANVDFAFSLYKQLVLKAPDKNVIFSPLSISTALAFLSLGAHNT
TLTEILKGLKFNLTETSEAEIHQSFQHLLRTLNQSSDELQLSMGNAMFVKEQLSLLDRFTEDAKRLYGSEAFATDFQDSA
AAKKLINDYVKNGTRGKITDLIKDLDSQTMMVLVNYIFFKAKFEMPFDPQDTHQSRFYLSKKKYVMVPMMSLHHLTIPYF
RDEELSCTVVQLNYTGNASALFILPDQDKMEEVEAMLSQETLSRFFESLEFREIGELYLPKFSISRDYNLNDILLQLGIE
EAFTSKADLSGITGARNLAVSQVVHKAVLDVFEEGTERSAATALEVLFQ
;
A
2 'polypeptide(L)' GPLVETRTIVRFNRPFLMIIVDNFTWSIFFMSKVTNPKQA B
#
loop_
_chem_comp.id
_chem_comp.type
_chem_comp.name
_chem_comp.formula
DM2 non-polymer DOXORUBICIN 'C27 H29 N O11'
EDO non-polymer 1,2-ETHANEDIOL 'C2 H6 O2'
#
# COMPACT_ATOMS: atom_id res chain seq x y z
N LEU A 35 -4.20 15.33 -6.27
N LEU A 35 -5.60 15.83 -5.97
CA LEU A 35 -3.63 14.23 -7.05
CA LEU A 35 -4.79 14.67 -6.31
C LEU A 35 -2.88 13.29 -6.12
C LEU A 35 -3.89 14.28 -5.15
N ALA A 36 -1.72 13.74 -5.64
N ALA A 36 -2.92 15.15 -4.85
CA ALA A 36 -1.05 13.06 -4.54
CA ALA A 36 -1.98 14.86 -3.77
C ALA A 36 -1.81 13.27 -3.23
C ALA A 36 -2.68 14.85 -2.41
N SER A 37 -2.42 14.45 -3.06
N SER A 37 -3.75 15.63 -2.26
CA SER A 37 -3.19 14.72 -1.84
CA SER A 37 -4.54 15.56 -1.03
C SER A 37 -4.32 13.72 -1.65
C SER A 37 -5.46 14.35 -0.98
N ALA A 38 -4.94 13.27 -2.76
N ALA A 38 -5.72 13.73 -2.14
CA ALA A 38 -6.02 12.29 -2.65
CA ALA A 38 -6.60 12.56 -2.20
C ALA A 38 -5.48 10.96 -2.12
C ALA A 38 -5.89 11.30 -1.74
N ASN A 39 -4.42 10.45 -2.75
N ASN A 39 -4.75 10.99 -2.38
CA ASN A 39 -3.87 9.14 -2.37
CA ASN A 39 -4.05 9.74 -2.09
C ASN A 39 -3.43 9.10 -0.91
C ASN A 39 -3.58 9.68 -0.64
N VAL A 40 -3.10 10.25 -0.33
N VAL A 40 -3.23 10.82 -0.05
CA VAL A 40 -2.64 10.31 1.07
CA VAL A 40 -2.85 10.83 1.36
C VAL A 40 -3.83 10.34 2.02
C VAL A 40 -4.07 10.60 2.24
N ASP A 41 -4.88 11.11 1.71
N ASP A 41 -5.18 11.30 1.93
CA ASP A 41 -6.08 11.11 2.55
CA ASP A 41 -6.38 11.13 2.72
C ASP A 41 -6.71 9.72 2.59
C ASP A 41 -6.96 9.72 2.59
N PHE A 42 -6.79 9.07 1.42
CA PHE A 42 -7.26 7.71 1.35
C PHE A 42 -6.36 6.78 2.16
N ALA A 43 -5.05 7.01 2.14
CA ALA A 43 -4.12 6.16 2.88
C ALA A 43 -4.43 6.19 4.37
N PHE A 44 -4.61 7.39 4.92
CA PHE A 44 -4.84 7.49 6.36
C PHE A 44 -6.24 7.04 6.76
N SER A 45 -7.25 7.32 5.91
CA SER A 45 -8.59 6.80 6.20
C SER A 45 -8.58 5.27 6.24
N LEU A 46 -7.90 4.66 5.27
CA LEU A 46 -7.82 3.21 5.24
C LEU A 46 -7.02 2.67 6.42
N TYR A 47 -5.88 3.32 6.74
CA TYR A 47 -5.07 2.88 7.87
C TYR A 47 -5.91 2.79 9.15
N LYS A 48 -6.67 3.85 9.43
CA LYS A 48 -7.48 3.88 10.65
C LYS A 48 -8.53 2.78 10.65
N GLN A 49 -9.18 2.53 9.51
CA GLN A 49 -10.12 1.42 9.40
C GLN A 49 -9.44 0.07 9.62
N LEU A 50 -8.24 -0.11 9.06
CA LEU A 50 -7.48 -1.34 9.30
C LEU A 50 -7.18 -1.53 10.78
N VAL A 51 -6.77 -0.46 11.46
CA VAL A 51 -6.44 -0.57 12.89
C VAL A 51 -7.68 -0.85 13.70
N LEU A 52 -8.79 -0.20 13.36
CA LEU A 52 -10.03 -0.40 14.10
C LEU A 52 -10.44 -1.87 14.16
N LYS A 53 -10.15 -2.63 13.10
CA LYS A 53 -10.52 -4.04 13.08
C LYS A 53 -9.73 -4.86 14.10
N ALA A 54 -8.52 -4.42 14.45
CA ALA A 54 -7.68 -5.18 15.37
C ALA A 54 -6.60 -4.26 15.90
N PRO A 55 -6.89 -3.52 16.97
CA PRO A 55 -6.09 -2.32 17.27
C PRO A 55 -4.70 -2.60 17.84
N ASP A 56 -4.39 -3.83 18.21
CA ASP A 56 -3.07 -4.19 18.71
C ASP A 56 -2.25 -5.01 17.72
N LYS A 57 -2.77 -5.27 16.52
CA LYS A 57 -2.07 -6.11 15.57
C LYS A 57 -1.13 -5.28 14.70
N ASN A 58 -0.08 -5.93 14.21
CA ASN A 58 0.72 -5.34 13.15
C ASN A 58 -0.18 -4.99 11.97
N VAL A 59 0.09 -3.84 11.34
CA VAL A 59 -0.59 -3.44 10.12
C VAL A 59 0.48 -3.20 9.05
N ILE A 60 0.36 -3.87 7.91
N ILE A 60 0.33 -3.86 7.90
CA ILE A 60 1.19 -3.55 6.76
CA ILE A 60 1.18 -3.67 6.73
C ILE A 60 0.31 -3.60 5.52
C ILE A 60 0.27 -3.61 5.52
N PHE A 61 0.40 -2.58 4.69
CA PHE A 61 -0.43 -2.50 3.50
C PHE A 61 0.16 -1.50 2.54
N SER A 62 -0.29 -1.58 1.29
CA SER A 62 0.10 -0.61 0.27
C SER A 62 -1.14 0.17 -0.11
N PRO A 63 -1.29 1.40 0.34
CA PRO A 63 -2.45 2.19 -0.11
C PRO A 63 -2.44 2.44 -1.61
N LEU A 64 -1.26 2.66 -2.20
CA LEU A 64 -1.20 2.88 -3.64
C LEU A 64 -1.72 1.68 -4.42
N SER A 65 -1.37 0.46 -3.97
CA SER A 65 -1.86 -0.73 -4.68
C SER A 65 -3.39 -0.76 -4.69
N ILE A 66 -4.01 -0.44 -3.55
CA ILE A 66 -5.46 -0.49 -3.44
C ILE A 66 -6.08 0.65 -4.26
N SER A 67 -5.53 1.85 -4.15
CA SER A 67 -6.02 2.98 -4.94
C SER A 67 -5.93 2.69 -6.43
N THR A 68 -4.81 2.11 -6.86
CA THR A 68 -4.64 1.84 -8.29
C THR A 68 -5.63 0.80 -8.78
N ALA A 69 -5.86 -0.27 -8.03
CA ALA A 69 -6.80 -1.29 -8.48
C ALA A 69 -8.22 -0.73 -8.58
N LEU A 70 -8.64 0.09 -7.61
CA LEU A 70 -9.98 0.64 -7.66
C LEU A 70 -10.12 1.68 -8.79
N ALA A 71 -9.09 2.49 -9.01
CA ALA A 71 -9.14 3.44 -10.12
C ALA A 71 -9.21 2.70 -11.44
N PHE A 72 -8.45 1.62 -11.56
CA PHE A 72 -8.57 0.73 -12.72
C PHE A 72 -10.00 0.23 -12.90
N LEU A 73 -10.62 -0.27 -11.83
CA LEU A 73 -12.01 -0.68 -11.94
C LEU A 73 -12.89 0.46 -12.42
N SER A 74 -12.63 1.68 -11.93
CA SER A 74 -13.53 2.78 -12.26
C SER A 74 -13.49 3.13 -13.73
N LEU A 75 -12.41 2.76 -14.42
CA LEU A 75 -12.34 2.94 -15.87
C LEU A 75 -13.54 2.31 -16.56
N GLY A 76 -14.08 1.25 -15.97
CA GLY A 76 -15.25 0.58 -16.50
C GLY A 76 -16.57 0.93 -15.85
N ALA A 77 -16.61 1.88 -14.92
CA ALA A 77 -17.82 2.16 -14.17
C ALA A 77 -18.54 3.36 -14.76
N HIS A 78 -19.86 3.43 -14.50
CA HIS A 78 -20.66 4.59 -14.89
C HIS A 78 -21.56 5.00 -13.74
N ASN A 79 -21.99 6.25 -13.78
CA ASN A 79 -23.09 6.79 -12.93
C ASN A 79 -22.67 6.64 -11.45
N THR A 80 -23.59 6.21 -10.58
CA THR A 80 -23.34 6.22 -9.14
C THR A 80 -22.23 5.26 -8.74
N THR A 81 -22.11 4.13 -9.43
CA THR A 81 -21.01 3.21 -9.16
C THR A 81 -19.67 3.92 -9.35
N LEU A 82 -19.56 4.67 -10.45
CA LEU A 82 -18.34 5.42 -10.74
C LEU A 82 -18.08 6.52 -9.71
N THR A 83 -19.09 7.35 -9.43
CA THR A 83 -18.81 8.48 -8.55
C THR A 83 -18.49 8.02 -7.14
N GLU A 84 -19.10 6.93 -6.69
CA GLU A 84 -18.78 6.42 -5.35
C GLU A 84 -17.34 5.95 -5.26
N ILE A 85 -16.84 5.30 -6.31
CA ILE A 85 -15.46 4.82 -6.29
C ILE A 85 -14.51 6.00 -6.20
N LEU A 86 -14.67 6.98 -7.09
CA LEU A 86 -13.70 8.07 -7.15
C LEU A 86 -13.79 8.95 -5.90
N LYS A 87 -15.01 9.15 -5.38
CA LYS A 87 -15.15 9.88 -4.12
C LYS A 87 -14.61 9.08 -2.95
N GLY A 88 -14.79 7.74 -2.98
CA GLY A 88 -14.22 6.93 -1.92
C GLY A 88 -12.70 6.96 -1.89
N LEU A 89 -12.08 7.08 -3.06
CA LEU A 89 -10.64 7.27 -3.15
C LEU A 89 -10.20 8.68 -2.77
N LYS A 90 -11.16 9.52 -2.39
CA LYS A 90 -10.96 10.88 -1.90
C LYS A 90 -10.66 11.90 -2.99
N PHE A 91 -11.06 11.63 -4.23
CA PHE A 91 -10.91 12.63 -5.28
C PHE A 91 -12.09 13.60 -5.26
N ASN A 92 -11.81 14.85 -5.63
CA ASN A 92 -12.83 15.88 -5.80
C ASN A 92 -13.11 15.97 -7.30
N LEU A 93 -14.28 15.52 -7.73
CA LEU A 93 -14.58 15.52 -9.15
C LEU A 93 -14.77 16.93 -9.71
N THR A 94 -15.08 17.92 -8.87
CA THR A 94 -15.18 19.28 -9.39
C THR A 94 -13.82 19.85 -9.73
N GLU A 95 -12.76 19.38 -9.08
CA GLU A 95 -11.41 19.85 -9.39
C GLU A 95 -10.82 19.11 -10.58
N THR A 96 -10.88 17.78 -10.54
CA THR A 96 -10.24 16.92 -11.53
C THR A 96 -11.28 16.02 -12.17
N SER A 97 -11.22 15.89 -13.49
CA SER A 97 -12.13 15.03 -14.22
C SER A 97 -11.66 13.58 -14.19
N GLU A 98 -12.55 12.67 -14.61
CA GLU A 98 -12.18 11.26 -14.69
C GLU A 98 -10.98 11.08 -15.60
N ALA A 99 -10.99 11.72 -16.78
CA ALA A 99 -9.86 11.62 -17.68
C ALA A 99 -8.56 12.04 -17.01
N GLU A 100 -8.61 13.12 -16.22
CA GLU A 100 -7.40 13.60 -15.58
C GLU A 100 -6.92 12.67 -14.48
N ILE A 101 -7.84 11.99 -13.78
CA ILE A 101 -7.44 11.07 -12.74
C ILE A 101 -6.67 9.89 -13.33
N HIS A 102 -7.24 9.28 -14.37
CA HIS A 102 -6.57 8.15 -15.01
C HIS A 102 -5.21 8.54 -15.58
N GLN A 103 -5.06 9.77 -16.04
CA GLN A 103 -3.76 10.20 -16.53
C GLN A 103 -2.79 10.28 -15.43
N SER A 104 -3.25 10.73 -14.28
CA SER A 104 -2.36 10.79 -13.14
C SER A 104 -1.85 9.41 -12.75
N PHE A 105 -2.73 8.40 -12.75
CA PHE A 105 -2.28 7.06 -12.43
C PHE A 105 -1.33 6.53 -13.49
N GLN A 106 -1.61 6.82 -14.76
CA GLN A 106 -0.72 6.42 -15.84
C GLN A 106 0.67 7.00 -15.64
N HIS A 107 0.75 8.30 -15.39
CA HIS A 107 2.05 8.93 -15.21
C HIS A 107 2.78 8.37 -13.99
N LEU A 108 2.03 8.11 -12.91
CA LEU A 108 2.66 7.56 -11.71
C LEU A 108 3.13 6.14 -11.95
N LEU A 109 2.32 5.33 -12.63
CA LEU A 109 2.67 3.93 -12.86
C LEU A 109 4.00 3.80 -13.58
N ARG A 110 4.29 4.71 -14.49
CA ARG A 110 5.49 4.60 -15.29
C ARG A 110 6.75 4.96 -14.52
N THR A 111 6.64 5.68 -13.40
CA THR A 111 7.81 5.99 -12.59
C THR A 111 8.08 4.96 -11.50
N LEU A 112 7.19 3.99 -11.32
CA LEU A 112 7.36 2.96 -10.30
C LEU A 112 7.85 1.64 -10.88
N ASN A 113 8.57 1.69 -11.99
CA ASN A 113 9.24 0.53 -12.55
C ASN A 113 10.68 0.97 -12.83
N GLN A 114 11.54 0.77 -11.83
CA GLN A 114 12.92 1.25 -11.89
C GLN A 114 13.86 0.22 -11.29
N SER A 115 15.09 0.22 -11.77
CA SER A 115 16.13 -0.66 -11.27
C SER A 115 17.43 0.11 -11.21
N SER A 116 18.09 0.07 -10.06
CA SER A 116 19.43 0.63 -9.90
C SER A 116 20.14 -0.19 -8.83
N ASP A 117 21.39 0.21 -8.53
CA ASP A 117 22.12 -0.42 -7.46
C ASP A 117 21.52 -0.14 -6.09
N GLU A 118 20.63 0.85 -5.99
CA GLU A 118 20.03 1.21 -4.71
C GLU A 118 18.57 0.79 -4.56
N LEU A 119 17.84 0.63 -5.66
CA LEU A 119 16.39 0.54 -5.58
C LEU A 119 15.81 -0.29 -6.72
N GLN A 120 15.03 -1.31 -6.37
CA GLN A 120 14.20 -2.05 -7.31
C GLN A 120 12.74 -1.74 -7.00
N LEU A 121 12.02 -1.25 -7.99
CA LEU A 121 10.62 -0.89 -7.85
C LEU A 121 9.90 -1.44 -9.06
N SER A 122 8.75 -2.07 -8.84
CA SER A 122 7.97 -2.57 -9.97
C SER A 122 6.50 -2.60 -9.57
N MET A 123 5.63 -2.21 -10.50
CA MET A 123 4.19 -2.25 -10.28
C MET A 123 3.56 -2.79 -11.56
N GLY A 124 2.56 -3.64 -11.40
CA GLY A 124 1.84 -4.14 -12.57
C GLY A 124 0.35 -4.20 -12.29
N ASN A 125 -0.42 -4.12 -13.37
CA ASN A 125 -1.86 -4.35 -13.34
C ASN A 125 -2.23 -5.40 -14.37
N ALA A 126 -3.24 -6.21 -14.07
CA ALA A 126 -3.71 -7.20 -15.03
C ALA A 126 -5.19 -7.45 -14.84
N MET A 127 -5.83 -7.98 -15.89
CA MET A 127 -7.19 -8.47 -15.80
CA MET A 127 -7.19 -8.48 -15.77
C MET A 127 -7.22 -9.93 -16.23
N PHE A 128 -7.86 -10.77 -15.43
CA PHE A 128 -8.07 -12.18 -15.74
C PHE A 128 -9.55 -12.35 -16.02
N VAL A 129 -9.89 -12.78 -17.24
CA VAL A 129 -11.25 -12.64 -17.75
C VAL A 129 -11.74 -13.98 -18.30
N LYS A 130 -12.96 -14.36 -17.92
CA LYS A 130 -13.59 -15.54 -18.49
C LYS A 130 -13.43 -15.54 -20.00
N GLU A 131 -12.92 -16.63 -20.55
CA GLU A 131 -12.43 -16.62 -21.93
C GLU A 131 -13.49 -16.14 -22.92
N GLN A 132 -14.74 -16.55 -22.74
CA GLN A 132 -15.72 -16.18 -23.76
C GLN A 132 -16.32 -14.79 -23.54
N LEU A 133 -15.99 -14.12 -22.44
CA LEU A 133 -16.67 -12.88 -22.07
C LEU A 133 -16.25 -11.74 -22.98
N SER A 134 -17.23 -11.07 -23.59
CA SER A 134 -16.96 -10.00 -24.54
C SER A 134 -16.69 -8.67 -23.82
N LEU A 135 -15.52 -8.09 -24.03
CA LEU A 135 -15.15 -6.82 -23.44
C LEU A 135 -15.17 -5.72 -24.50
N LEU A 136 -15.53 -4.52 -24.12
CA LEU A 136 -15.49 -3.45 -25.06
C LEU A 136 -14.08 -3.08 -25.45
N ASP A 137 -13.90 -2.72 -26.70
CA ASP A 137 -12.62 -2.34 -27.19
C ASP A 137 -12.08 -1.17 -26.46
N ARG A 138 -12.94 -0.24 -26.13
CA ARG A 138 -12.54 0.95 -25.44
C ARG A 138 -11.96 0.66 -24.09
N PHE A 139 -12.56 -0.28 -23.40
CA PHE A 139 -12.05 -0.64 -22.10
C PHE A 139 -10.72 -1.34 -22.15
N THR A 140 -10.55 -2.31 -23.03
CA THR A 140 -9.26 -2.98 -23.08
C THR A 140 -8.18 -2.07 -23.64
N GLU A 141 -8.53 -1.16 -24.54
CA GLU A 141 -7.57 -0.17 -25.03
C GLU A 141 -7.13 0.75 -23.90
N ASP A 142 -8.10 1.31 -23.18
CA ASP A 142 -7.80 2.20 -22.06
C ASP A 142 -7.03 1.48 -20.96
N ALA A 143 -7.40 0.23 -20.66
CA ALA A 143 -6.74 -0.50 -19.59
C ALA A 143 -5.27 -0.69 -19.88
N LYS A 144 -4.91 -1.00 -21.14
CA LYS A 144 -3.51 -1.20 -21.46
C LYS A 144 -2.76 0.13 -21.48
N ARG A 145 -3.36 1.16 -22.09
CA ARG A 145 -2.68 2.43 -22.27
C ARG A 145 -2.49 3.17 -20.95
N LEU A 146 -3.52 3.17 -20.10
CA LEU A 146 -3.49 3.94 -18.86
C LEU A 146 -2.96 3.14 -17.68
N TYR A 147 -3.25 1.84 -17.63
CA TYR A 147 -2.88 1.04 -16.46
C TYR A 147 -1.89 -0.07 -16.80
N GLY A 148 -1.47 -0.18 -18.06
CA GLY A 148 -0.53 -1.22 -18.40
C GLY A 148 -1.08 -2.61 -18.30
N SER A 149 -2.39 -2.76 -18.36
CA SER A 149 -3.00 -4.04 -18.07
C SER A 149 -3.20 -4.82 -19.35
N GLU A 150 -2.69 -6.06 -19.36
N GLU A 150 -2.71 -6.06 -19.37
CA GLU A 150 -3.10 -7.00 -20.39
CA GLU A 150 -3.13 -6.98 -20.39
C GLU A 150 -4.43 -7.64 -19.97
C GLU A 150 -4.42 -7.67 -19.95
N ALA A 151 -5.00 -8.43 -20.88
CA ALA A 151 -6.18 -9.22 -20.61
C ALA A 151 -5.80 -10.68 -20.77
N PHE A 152 -6.04 -11.49 -19.74
CA PHE A 152 -5.69 -12.91 -19.79
C PHE A 152 -6.96 -13.74 -19.79
N ALA A 153 -7.16 -14.52 -20.84
CA ALA A 153 -8.26 -15.47 -20.85
C ALA A 153 -8.06 -16.52 -19.79
N THR A 154 -9.11 -16.75 -18.99
CA THR A 154 -9.02 -17.55 -17.78
C THR A 154 -10.25 -18.43 -17.68
N ASP A 155 -10.06 -19.72 -17.39
CA ASP A 155 -11.17 -20.64 -17.19
C ASP A 155 -11.47 -20.73 -15.70
N PHE A 156 -12.31 -19.80 -15.22
CA PHE A 156 -12.63 -19.78 -13.79
C PHE A 156 -13.41 -21.01 -13.33
N GLN A 157 -14.11 -21.70 -14.24
CA GLN A 157 -14.82 -22.91 -13.84
C GLN A 157 -13.88 -23.97 -13.31
N ASP A 158 -12.64 -23.98 -13.80
CA ASP A 158 -11.56 -24.80 -13.23
C ASP A 158 -10.87 -23.95 -12.16
N SER A 159 -11.50 -23.88 -10.99
CA SER A 159 -11.11 -22.90 -9.98
C SER A 159 -9.66 -23.05 -9.57
N ALA A 160 -9.15 -24.28 -9.48
CA ALA A 160 -7.79 -24.47 -8.99
C ALA A 160 -6.77 -23.98 -10.02
N ALA A 161 -7.08 -24.14 -11.30
CA ALA A 161 -6.17 -23.65 -12.34
C ALA A 161 -6.21 -22.14 -12.45
N ALA A 162 -7.40 -21.55 -12.33
CA ALA A 162 -7.51 -20.10 -12.38
C ALA A 162 -6.78 -19.45 -11.20
N LYS A 163 -6.94 -20.02 -10.01
CA LYS A 163 -6.20 -19.53 -8.85
C LYS A 163 -4.70 -19.57 -9.07
N LYS A 164 -4.20 -20.70 -9.58
CA LYS A 164 -2.76 -20.79 -9.79
C LYS A 164 -2.30 -19.81 -10.86
N LEU A 165 -3.13 -19.57 -11.88
CA LEU A 165 -2.74 -18.61 -12.91
C LEU A 165 -2.56 -17.21 -12.32
N ILE A 166 -3.51 -16.78 -11.47
CA ILE A 166 -3.43 -15.44 -10.89
C ILE A 166 -2.33 -15.37 -9.85
N ASN A 167 -2.25 -16.37 -8.96
CA ASN A 167 -1.23 -16.37 -7.91
C ASN A 167 0.17 -16.39 -8.51
N ASP A 168 0.35 -17.11 -9.62
CA ASP A 168 1.67 -17.11 -10.29
C ASP A 168 2.01 -15.74 -10.84
N TYR A 169 1.04 -15.05 -11.45
CA TYR A 169 1.28 -13.69 -11.91
C TYR A 169 1.78 -12.84 -10.75
N VAL A 170 1.11 -12.93 -9.60
CA VAL A 170 1.49 -12.09 -8.49
C VAL A 170 2.83 -12.54 -7.90
N LYS A 171 3.06 -13.86 -7.82
CA LYS A 171 4.35 -14.35 -7.36
C LYS A 171 5.48 -13.86 -8.26
N ASN A 172 5.27 -13.94 -9.58
CA ASN A 172 6.26 -13.45 -10.53
C ASN A 172 6.49 -11.94 -10.39
N GLY A 173 5.41 -11.17 -10.20
CA GLY A 173 5.57 -9.73 -10.06
C GLY A 173 6.24 -9.31 -8.77
N THR A 174 5.99 -10.03 -7.68
CA THR A 174 6.59 -9.72 -6.40
C THR A 174 7.80 -10.59 -6.09
N ARG A 175 8.30 -11.30 -7.10
CA ARG A 175 9.55 -12.05 -6.99
C ARG A 175 9.52 -13.01 -5.81
N GLY A 176 8.42 -13.76 -5.70
CA GLY A 176 8.28 -14.81 -4.72
C GLY A 176 7.70 -14.39 -3.39
N LYS A 177 7.52 -13.10 -3.16
CA LYS A 177 7.16 -12.65 -1.82
C LYS A 177 5.66 -12.79 -1.53
N ILE A 178 4.81 -12.72 -2.55
CA ILE A 178 3.37 -12.90 -2.36
C ILE A 178 2.92 -14.01 -3.32
N THR A 179 2.59 -15.17 -2.76
CA THR A 179 2.27 -16.32 -3.60
C THR A 179 0.86 -16.87 -3.39
N ASP A 180 0.13 -16.39 -2.41
CA ASP A 180 -1.19 -16.93 -2.07
C ASP A 180 -2.22 -15.82 -1.90
N LEU A 181 -2.14 -14.78 -2.73
CA LEU A 181 -3.14 -13.71 -2.66
C LEU A 181 -4.56 -14.25 -2.76
N ILE A 182 -4.77 -15.19 -3.67
CA ILE A 182 -6.09 -15.79 -3.90
C ILE A 182 -6.13 -17.13 -3.19
N LYS A 183 -6.98 -17.25 -2.17
CA LYS A 183 -7.15 -18.53 -1.48
C LYS A 183 -8.39 -19.25 -1.98
N ASP A 184 -9.54 -18.58 -1.96
CA ASP A 184 -10.79 -19.12 -2.46
C ASP A 184 -11.24 -18.29 -3.64
N LEU A 185 -11.81 -18.96 -4.65
CA LEU A 185 -12.23 -18.29 -5.87
C LEU A 185 -13.52 -18.93 -6.35
N ASP A 186 -14.60 -18.15 -6.35
CA ASP A 186 -15.88 -18.60 -6.85
C ASP A 186 -15.73 -19.13 -8.27
N SER A 187 -16.23 -20.35 -8.51
CA SER A 187 -16.07 -20.97 -9.82
C SER A 187 -16.83 -20.22 -10.90
N GLN A 188 -17.77 -19.35 -10.51
CA GLN A 188 -18.56 -18.53 -11.42
C GLN A 188 -18.01 -17.12 -11.58
N THR A 189 -16.78 -16.88 -11.11
CA THR A 189 -16.11 -15.60 -11.33
C THR A 189 -16.04 -15.26 -12.81
N MET A 190 -16.30 -13.99 -13.13
CA MET A 190 -16.19 -13.46 -14.49
C MET A 190 -14.86 -12.78 -14.77
N MET A 191 -14.33 -12.04 -13.78
CA MET A 191 -13.13 -11.23 -13.96
CA MET A 191 -13.12 -11.25 -13.96
C MET A 191 -12.43 -11.07 -12.62
N VAL A 192 -11.12 -10.95 -12.66
CA VAL A 192 -10.35 -10.53 -11.50
C VAL A 192 -9.38 -9.45 -11.96
N LEU A 193 -9.46 -8.27 -11.36
CA LEU A 193 -8.49 -7.21 -11.60
CA LEU A 193 -8.48 -7.20 -11.59
C LEU A 193 -7.42 -7.28 -10.52
N VAL A 194 -6.16 -7.19 -10.93
CA VAL A 194 -5.04 -7.40 -10.00
C VAL A 194 -4.02 -6.28 -10.15
N ASN A 195 -3.54 -5.79 -9.02
CA ASN A 195 -2.39 -4.90 -8.96
C ASN A 195 -1.35 -5.54 -8.04
N TYR A 196 -0.07 -5.44 -8.41
CA TYR A 196 1.01 -5.78 -7.48
C TYR A 196 2.05 -4.67 -7.46
N ILE A 197 2.76 -4.60 -6.33
CA ILE A 197 3.86 -3.67 -6.18
C ILE A 197 4.99 -4.41 -5.46
N PHE A 198 6.23 -4.17 -5.92
CA PHE A 198 7.42 -4.79 -5.35
C PHE A 198 8.45 -3.70 -5.14
N PHE A 199 9.06 -3.68 -3.96
CA PHE A 199 9.99 -2.63 -3.58
C PHE A 199 11.16 -3.26 -2.83
N LYS A 200 12.37 -2.99 -3.28
CA LYS A 200 13.56 -3.46 -2.57
C LYS A 200 14.55 -2.32 -2.59
N ALA A 201 15.03 -1.91 -1.41
CA ALA A 201 15.91 -0.76 -1.32
C ALA A 201 17.00 -1.06 -0.31
N LYS A 202 18.23 -0.72 -0.67
CA LYS A 202 19.33 -0.89 0.26
C LYS A 202 19.45 0.33 1.14
N PHE A 203 19.78 0.10 2.41
CA PHE A 203 20.05 1.20 3.32
C PHE A 203 21.28 1.96 2.82
N GLU A 204 21.18 3.29 2.76
CA GLU A 204 22.33 4.11 2.40
C GLU A 204 23.49 3.83 3.34
N MET A 205 23.21 3.80 4.65
CA MET A 205 24.18 3.39 5.66
C MET A 205 23.72 2.05 6.20
N PRO A 206 24.29 0.93 5.75
CA PRO A 206 23.82 -0.39 6.19
C PRO A 206 24.19 -0.68 7.63
N PHE A 207 23.37 -1.51 8.28
CA PHE A 207 23.73 -2.06 9.58
C PHE A 207 24.77 -3.16 9.41
N ASP A 208 25.75 -3.19 10.30
CA ASP A 208 26.70 -4.30 10.36
C ASP A 208 26.07 -5.47 11.10
N PRO A 209 26.01 -6.66 10.51
CA PRO A 209 25.39 -7.80 11.20
C PRO A 209 26.08 -8.16 12.51
N GLN A 210 27.36 -7.83 12.67
CA GLN A 210 28.05 -8.08 13.94
C GLN A 210 27.43 -7.32 15.10
N ASP A 211 26.74 -6.21 14.81
CA ASP A 211 26.14 -5.38 15.84
C ASP A 211 24.66 -5.67 16.06
N THR A 212 24.14 -6.75 15.50
CA THR A 212 22.76 -7.15 15.73
C THR A 212 22.70 -8.11 16.91
N HIS A 213 21.96 -7.75 17.96
CA HIS A 213 21.87 -8.55 19.17
C HIS A 213 20.45 -8.60 19.67
N GLN A 214 20.12 -9.71 20.33
CA GLN A 214 18.82 -9.88 20.95
C GLN A 214 18.58 -8.82 22.02
N SER A 215 17.46 -8.12 21.93
CA SER A 215 17.15 -7.04 22.84
C SER A 215 15.65 -7.03 23.11
N ARG A 216 15.25 -6.35 24.17
CA ARG A 216 13.83 -6.30 24.48
C ARG A 216 13.07 -5.46 23.46
N PHE A 217 11.88 -5.93 23.09
CA PHE A 217 10.89 -5.12 22.39
C PHE A 217 9.63 -5.09 23.24
N TYR A 218 9.23 -3.89 23.65
CA TYR A 218 8.11 -3.68 24.57
C TYR A 218 6.82 -3.55 23.77
N LEU A 219 6.02 -4.62 23.77
CA LEU A 219 4.65 -4.55 23.27
C LEU A 219 3.82 -3.54 24.02
N SER A 220 4.03 -3.45 25.34
CA SER A 220 3.52 -2.39 26.18
C SER A 220 4.54 -2.14 27.26
N LYS A 221 4.22 -1.24 28.20
CA LYS A 221 5.13 -1.02 29.32
C LYS A 221 5.44 -2.31 30.07
N LYS A 222 4.49 -3.25 30.11
CA LYS A 222 4.63 -4.42 30.96
C LYS A 222 4.75 -5.74 30.22
N LYS A 223 4.70 -5.76 28.88
CA LYS A 223 4.86 -7.00 28.13
C LYS A 223 5.97 -6.78 27.11
N TYR A 224 6.94 -7.69 27.08
CA TYR A 224 8.06 -7.50 26.19
C TYR A 224 8.60 -8.88 25.81
N VAL A 225 9.18 -8.94 24.60
CA VAL A 225 9.80 -10.13 24.04
C VAL A 225 11.22 -9.74 23.66
N MET A 226 12.01 -10.74 23.28
CA MET A 226 13.35 -10.52 22.77
C MET A 226 13.36 -10.64 21.26
N VAL A 227 13.95 -9.67 20.58
CA VAL A 227 14.06 -9.68 19.13
C VAL A 227 15.49 -9.35 18.70
N PRO A 228 15.94 -9.83 17.55
CA PRO A 228 17.21 -9.33 17.02
C PRO A 228 17.09 -7.85 16.71
N MET A 229 17.98 -7.07 17.32
CA MET A 229 17.98 -5.62 17.23
C MET A 229 19.27 -5.16 16.55
N MET A 230 19.14 -4.60 15.36
CA MET A 230 20.27 -4.04 14.63
C MET A 230 20.64 -2.69 15.22
N SER A 231 21.90 -2.30 15.03
CA SER A 231 22.30 -1.01 15.59
C SER A 231 23.35 -0.35 14.70
N LEU A 232 23.29 0.99 14.67
CA LEU A 232 24.25 1.83 13.98
C LEU A 232 24.71 2.93 14.93
N HIS A 233 25.92 3.40 14.71
CA HIS A 233 26.53 4.43 15.56
C HIS A 233 26.92 5.65 14.73
N HIS A 234 26.72 6.83 15.26
CA HIS A 234 27.11 8.03 14.62
C HIS A 234 26.72 8.20 13.22
N LEU A 235 25.49 8.60 13.05
CA LEU A 235 24.98 8.83 11.70
C LEU A 235 24.18 10.13 11.71
N THR A 236 24.08 10.75 10.54
CA THR A 236 23.41 12.04 10.38
C THR A 236 22.20 11.83 9.47
N ILE A 237 21.00 12.01 10.03
CA ILE A 237 19.76 11.78 9.30
C ILE A 237 18.79 12.90 9.63
N PRO A 238 17.79 13.11 8.78
CA PRO A 238 16.73 14.06 9.14
C PRO A 238 16.01 13.60 10.40
N TYR A 239 15.75 14.55 11.28
CA TYR A 239 15.31 14.26 12.64
C TYR A 239 14.34 15.33 13.09
N PHE A 240 13.32 14.92 13.85
CA PHE A 240 12.38 15.86 14.43
C PHE A 240 11.82 15.23 15.70
N ARG A 241 11.98 15.92 16.82
CA ARG A 241 11.41 15.49 18.10
C ARG A 241 10.16 16.33 18.35
N ASP A 242 8.99 15.69 18.28
CA ASP A 242 7.70 16.37 18.42
C ASP A 242 7.26 16.24 19.87
N GLU A 243 7.71 17.18 20.71
CA GLU A 243 7.35 17.13 22.12
C GLU A 243 5.84 17.20 22.31
N GLU A 244 5.16 17.99 21.47
CA GLU A 244 3.72 18.12 21.60
C GLU A 244 2.98 16.82 21.31
N LEU A 245 3.48 16.02 20.38
CA LEU A 245 2.86 14.75 20.02
C LEU A 245 3.55 13.56 20.67
N SER A 246 4.59 13.81 21.47
CA SER A 246 5.28 12.75 22.23
C SER A 246 5.83 11.67 21.30
N CYS A 247 6.49 12.09 20.23
CA CYS A 247 7.05 11.13 19.30
C CYS A 247 8.30 11.71 18.66
N THR A 248 9.13 10.81 18.18
CA THR A 248 10.34 11.15 17.44
C THR A 248 10.15 10.66 16.01
N VAL A 249 10.50 11.49 15.05
CA VAL A 249 10.35 11.18 13.63
C VAL A 249 11.73 11.26 13.01
N VAL A 250 12.11 10.23 12.26
CA VAL A 250 13.38 10.25 11.53
C VAL A 250 13.13 9.77 10.12
N GLN A 251 14.03 10.13 9.23
CA GLN A 251 13.93 9.77 7.83
C GLN A 251 15.19 9.00 7.46
N LEU A 252 15.02 7.72 7.20
CA LEU A 252 16.11 6.91 6.72
C LEU A 252 16.03 6.81 5.22
N ASN A 253 17.17 6.54 4.60
CA ASN A 253 17.32 6.37 3.17
C ASN A 253 16.72 7.53 2.45
N TYR A 254 17.05 8.76 2.83
CA TYR A 254 16.34 9.91 2.29
C TYR A 254 16.66 10.47 0.95
N THR A 255 17.78 10.06 0.39
CA THR A 255 18.15 10.57 -0.90
C THR A 255 17.48 9.77 -1.96
N GLY A 256 17.41 10.35 -3.15
CA GLY A 256 16.84 9.67 -4.29
C GLY A 256 15.37 9.71 -4.57
N ASN A 257 14.89 8.64 -5.16
CA ASN A 257 13.52 8.53 -5.55
C ASN A 257 12.57 8.18 -4.39
N ALA A 258 13.05 7.47 -3.38
CA ALA A 258 12.17 7.15 -2.29
C ALA A 258 12.82 7.28 -0.91
N SER A 259 12.00 7.40 0.12
CA SER A 259 12.50 7.48 1.48
C SER A 259 11.52 6.87 2.50
N ALA A 260 12.03 6.57 3.65
CA ALA A 260 11.24 5.99 4.68
C ALA A 260 11.11 6.89 5.90
N LEU A 261 9.92 7.31 6.20
CA LEU A 261 9.66 8.11 7.36
C LEU A 261 9.29 7.16 8.49
N PHE A 262 10.08 7.13 9.57
CA PHE A 262 9.85 6.31 10.76
C PHE A 262 9.31 7.20 11.88
N ILE A 263 8.22 6.78 12.49
CA ILE A 263 7.58 7.54 13.56
C ILE A 263 7.62 6.69 14.81
N LEU A 264 8.30 7.19 15.84
CA LEU A 264 8.51 6.41 17.06
C LEU A 264 7.79 7.09 18.21
N PRO A 265 6.58 6.68 18.56
CA PRO A 265 5.90 7.26 19.72
C PRO A 265 6.58 6.83 21.02
N ASP A 266 6.55 7.74 22.00
CA ASP A 266 6.97 7.42 23.36
C ASP A 266 6.17 6.22 23.85
N GLN A 267 6.65 5.47 24.84
CA GLN A 267 5.91 4.29 25.28
C GLN A 267 4.50 4.69 25.69
N ASP A 268 3.54 3.82 25.33
CA ASP A 268 2.12 4.00 25.59
C ASP A 268 1.53 5.23 24.89
N LYS A 269 2.22 5.79 23.89
CA LYS A 269 1.71 6.94 23.16
C LYS A 269 1.40 6.63 21.70
N MET A 270 1.49 5.36 21.28
CA MET A 270 1.13 5.03 19.90
C MET A 270 -0.30 5.46 19.58
N GLU A 271 -1.26 5.18 20.47
CA GLU A 271 -2.65 5.53 20.16
C GLU A 271 -2.83 7.04 20.01
N GLU A 272 -2.16 7.82 20.87
CA GLU A 272 -2.23 9.28 20.73
C GLU A 272 -1.59 9.74 19.42
N VAL A 273 -0.49 9.12 19.00
CA VAL A 273 0.09 9.51 17.72
C VAL A 273 -0.85 9.14 16.58
N GLU A 274 -1.44 7.94 16.63
CA GLU A 274 -2.34 7.56 15.54
C GLU A 274 -3.51 8.52 15.42
N ALA A 275 -3.98 9.06 16.54
CA ALA A 275 -5.12 9.99 16.53
C ALA A 275 -4.81 11.30 15.80
N MET A 276 -3.54 11.66 15.64
CA MET A 276 -3.14 12.90 14.99
C MET A 276 -2.76 12.71 13.53
N LEU A 277 -2.68 11.48 13.04
CA LEU A 277 -2.22 11.24 11.67
C LEU A 277 -3.18 11.86 10.67
N SER A 278 -2.61 12.52 9.67
CA SER A 278 -3.38 13.20 8.62
C SER A 278 -2.36 13.73 7.62
N GLN A 279 -2.86 14.18 6.47
CA GLN A 279 -1.95 14.83 5.54
C GLN A 279 -1.28 16.04 6.18
N GLU A 280 -2.02 16.81 6.99
CA GLU A 280 -1.46 18.00 7.61
C GLU A 280 -0.35 17.64 8.59
N THR A 281 -0.58 16.63 9.43
CA THR A 281 0.45 16.18 10.36
C THR A 281 1.65 15.61 9.63
N LEU A 282 1.43 14.86 8.55
CA LEU A 282 2.55 14.33 7.77
C LEU A 282 3.35 15.47 7.15
N SER A 283 2.65 16.49 6.64
CA SER A 283 3.34 17.66 6.11
C SER A 283 4.20 18.31 7.19
N ARG A 284 3.61 18.56 8.36
CA ARG A 284 4.37 19.22 9.41
C ARG A 284 5.53 18.35 9.88
N PHE A 285 5.36 17.03 9.89
CA PHE A 285 6.50 16.14 10.15
C PHE A 285 7.64 16.43 9.17
N PHE A 286 7.36 16.33 7.87
CA PHE A 286 8.41 16.55 6.87
C PHE A 286 9.00 17.94 6.99
N GLU A 287 8.15 18.97 7.12
CA GLU A 287 8.65 20.34 7.19
C GLU A 287 9.49 20.57 8.43
N SER A 288 9.21 19.86 9.51
CA SER A 288 9.94 20.03 10.77
C SER A 288 11.23 19.23 10.84
N LEU A 289 11.52 18.40 9.84
CA LEU A 289 12.73 17.59 9.87
C LEU A 289 13.98 18.46 9.69
N GLU A 290 15.03 18.13 10.45
CA GLU A 290 16.32 18.80 10.32
C GLU A 290 17.41 17.75 10.52
N PHE A 291 18.51 17.93 9.80
CA PHE A 291 19.62 17.00 9.91
C PHE A 291 20.19 17.01 11.32
N ARG A 292 20.54 15.83 11.81
CA ARG A 292 21.04 15.75 13.18
C ARG A 292 21.89 14.50 13.33
N GLU A 293 23.01 14.65 14.04
CA GLU A 293 23.83 13.49 14.35
C GLU A 293 23.16 12.67 15.44
N ILE A 294 23.01 11.37 15.18
CA ILE A 294 22.39 10.45 16.12
C ILE A 294 23.51 9.56 16.67
N GLY A 295 23.63 9.54 17.99
CA GLY A 295 24.66 8.70 18.60
C GLY A 295 24.48 7.23 18.26
N GLU A 296 23.30 6.69 18.57
CA GLU A 296 23.01 5.29 18.31
C GLU A 296 21.59 5.17 17.78
N LEU A 297 21.40 4.31 16.79
CA LEU A 297 20.06 3.95 16.33
C LEU A 297 19.88 2.44 16.46
N TYR A 298 18.74 2.04 17.01
CA TYR A 298 18.41 0.64 17.19
C TYR A 298 17.12 0.35 16.43
N LEU A 299 17.14 -0.66 15.57
CA LEU A 299 16.00 -1.01 14.72
C LEU A 299 15.90 -2.54 14.65
N PRO A 300 14.73 -3.13 14.90
CA PRO A 300 14.63 -4.59 14.82
C PRO A 300 14.84 -5.11 13.41
N LYS A 301 15.39 -6.32 13.34
CA LYS A 301 15.43 -7.14 12.12
C LYS A 301 14.25 -8.09 12.17
N PHE A 302 13.35 -8.01 11.19
CA PHE A 302 12.12 -8.78 11.31
C PHE A 302 11.44 -8.88 9.95
N SER A 303 10.48 -9.80 9.88
CA SER A 303 9.61 -10.01 8.73
C SER A 303 8.19 -10.18 9.24
N ILE A 304 7.23 -9.48 8.64
CA ILE A 304 5.82 -9.62 9.01
C ILE A 304 4.97 -9.60 7.74
N SER A 305 3.78 -10.18 7.83
CA SER A 305 2.84 -10.16 6.72
C SER A 305 1.42 -10.02 7.26
N ARG A 306 0.52 -9.47 6.44
CA ARG A 306 -0.89 -9.41 6.77
C ARG A 306 -1.68 -9.65 5.48
N ASP A 307 -2.84 -10.25 5.59
CA ASP A 307 -3.77 -10.25 4.47
C ASP A 307 -5.16 -9.86 4.96
N TYR A 308 -5.94 -9.30 4.06
CA TYR A 308 -7.19 -8.65 4.42
C TYR A 308 -8.24 -8.96 3.38
N ASN A 309 -9.50 -8.97 3.82
CA ASN A 309 -10.63 -8.79 2.92
C ASN A 309 -11.18 -7.40 3.19
N LEU A 310 -11.20 -6.55 2.16
CA LEU A 310 -11.49 -5.14 2.36
C LEU A 310 -12.96 -4.76 2.10
N ASN A 311 -13.85 -5.73 1.88
CA ASN A 311 -15.25 -5.41 1.61
C ASN A 311 -15.84 -4.51 2.69
N ASP A 312 -15.69 -4.90 3.96
CA ASP A 312 -16.29 -4.12 5.05
C ASP A 312 -15.79 -2.69 5.02
N ILE A 313 -14.48 -2.53 4.83
CA ILE A 313 -13.87 -1.21 4.87
C ILE A 313 -14.28 -0.37 3.67
N LEU A 314 -14.30 -0.96 2.48
CA LEU A 314 -14.69 -0.18 1.32
C LEU A 314 -16.15 0.25 1.40
N LEU A 315 -17.02 -0.61 1.91
CA LEU A 315 -18.41 -0.20 2.10
C LEU A 315 -18.48 0.95 3.09
N GLN A 316 -17.73 0.87 4.18
CA GLN A 316 -17.69 1.97 5.15
C GLN A 316 -17.17 3.25 4.51
N LEU A 317 -16.22 3.14 3.58
CA LEU A 317 -15.73 4.31 2.87
C LEU A 317 -16.69 4.80 1.79
N GLY A 318 -17.87 4.19 1.67
CA GLY A 318 -18.88 4.68 0.75
C GLY A 318 -18.87 4.06 -0.63
N ILE A 319 -18.03 3.05 -0.89
CA ILE A 319 -18.04 2.37 -2.18
C ILE A 319 -19.03 1.22 -2.04
N GLU A 320 -20.29 1.48 -2.40
CA GLU A 320 -21.40 0.59 -2.07
C GLU A 320 -22.08 0.00 -3.30
N GLU A 321 -22.39 0.81 -4.31
CA GLU A 321 -23.19 0.28 -5.42
C GLU A 321 -22.44 -0.80 -6.19
N ALA A 322 -21.11 -0.71 -6.23
CA ALA A 322 -20.31 -1.70 -6.94
C ALA A 322 -20.50 -3.12 -6.42
N PHE A 323 -20.99 -3.28 -5.18
CA PHE A 323 -21.18 -4.58 -4.54
C PHE A 323 -22.60 -5.10 -4.63
N THR A 324 -23.52 -4.34 -5.22
CA THR A 324 -24.94 -4.69 -5.24
C THR A 324 -25.40 -4.93 -6.67
N SER A 325 -26.65 -5.38 -6.80
CA SER A 325 -27.17 -5.58 -8.16
C SER A 325 -27.45 -4.26 -8.87
N LYS A 326 -27.31 -3.13 -8.18
CA LYS A 326 -27.38 -1.86 -8.88
C LYS A 326 -26.06 -1.47 -9.54
N ALA A 327 -25.02 -2.31 -9.37
CA ALA A 327 -23.70 -2.02 -9.93
C ALA A 327 -23.80 -1.67 -11.40
N ASP A 328 -23.07 -0.64 -11.79
CA ASP A 328 -22.94 -0.23 -13.20
C ASP A 328 -21.48 -0.31 -13.60
N LEU A 329 -21.08 -1.48 -14.09
CA LEU A 329 -19.76 -1.66 -14.69
C LEU A 329 -19.87 -1.88 -16.19
N SER A 330 -20.87 -1.23 -16.80
CA SER A 330 -21.17 -1.42 -18.21
C SER A 330 -20.11 -0.81 -19.12
N GLY A 331 -19.19 0.01 -18.60
CA GLY A 331 -18.04 0.39 -19.39
C GLY A 331 -17.05 -0.74 -19.64
N ILE A 332 -17.24 -1.88 -18.98
CA ILE A 332 -16.37 -3.04 -19.20
C ILE A 332 -16.88 -3.88 -20.36
N THR A 333 -18.17 -4.16 -20.39
CA THR A 333 -18.75 -5.15 -21.27
C THR A 333 -19.82 -4.59 -22.21
N GLY A 334 -20.31 -3.39 -21.98
CA GLY A 334 -21.47 -2.89 -22.69
C GLY A 334 -22.81 -3.25 -22.08
N ALA A 335 -22.84 -3.91 -20.92
CA ALA A 335 -24.06 -4.25 -20.21
C ALA A 335 -23.78 -4.12 -18.72
N ARG A 336 -24.84 -3.89 -17.92
CA ARG A 336 -24.73 -3.87 -16.45
C ARG A 336 -24.75 -5.31 -15.90
N ASN A 337 -23.76 -6.09 -16.29
CA ASN A 337 -23.80 -7.52 -16.03
C ASN A 337 -22.66 -7.98 -15.17
N LEU A 338 -22.00 -7.06 -14.45
CA LEU A 338 -20.89 -7.38 -13.56
C LEU A 338 -21.03 -6.62 -12.26
N ALA A 339 -20.62 -7.26 -11.16
CA ALA A 339 -20.58 -6.57 -9.87
C ALA A 339 -19.43 -7.13 -9.05
N VAL A 340 -18.85 -6.28 -8.18
CA VAL A 340 -17.75 -6.73 -7.34
C VAL A 340 -18.28 -7.71 -6.30
N SER A 341 -17.52 -8.79 -6.08
CA SER A 341 -17.82 -9.76 -5.05
CA SER A 341 -17.80 -9.79 -5.07
C SER A 341 -16.85 -9.73 -3.88
N GLN A 342 -15.54 -9.67 -4.15
CA GLN A 342 -14.53 -9.68 -3.08
C GLN A 342 -13.36 -8.79 -3.44
N VAL A 343 -12.84 -8.07 -2.45
CA VAL A 343 -11.59 -7.31 -2.59
C VAL A 343 -10.62 -7.85 -1.54
N VAL A 344 -9.47 -8.38 -1.98
CA VAL A 344 -8.47 -8.90 -1.05
C VAL A 344 -7.15 -8.15 -1.25
N HIS A 345 -6.35 -8.13 -0.18
CA HIS A 345 -5.07 -7.43 -0.16
C HIS A 345 -4.12 -8.23 0.69
N LYS A 346 -2.87 -8.35 0.25
CA LYS A 346 -1.83 -8.96 1.08
C LYS A 346 -0.57 -8.13 0.97
N ALA A 347 0.18 -8.03 2.07
CA ALA A 347 1.42 -7.28 2.03
C ALA A 347 2.44 -7.95 2.94
N VAL A 348 3.71 -7.82 2.57
CA VAL A 348 4.80 -8.46 3.30
C VAL A 348 5.94 -7.46 3.45
N LEU A 349 6.53 -7.42 4.63
CA LEU A 349 7.58 -6.46 4.95
C LEU A 349 8.77 -7.18 5.55
N ASP A 350 9.96 -6.89 5.08
CA ASP A 350 11.17 -7.48 5.53
C ASP A 350 12.21 -6.43 5.81
N VAL A 351 12.73 -6.41 7.03
CA VAL A 351 13.70 -5.39 7.42
C VAL A 351 14.95 -6.13 7.90
N PHE A 352 16.10 -5.81 7.31
CA PHE A 352 17.34 -6.53 7.60
C PHE A 352 18.51 -5.55 7.48
N GLU A 353 19.73 -6.04 7.71
CA GLU A 353 20.87 -5.13 7.87
C GLU A 353 21.14 -4.34 6.59
N GLU A 354 21.04 -4.99 5.44
CA GLU A 354 21.38 -4.36 4.17
C GLU A 354 20.28 -3.44 3.66
N GLY A 355 19.02 -3.67 4.03
CA GLY A 355 17.95 -2.86 3.48
C GLY A 355 16.58 -3.42 3.83
N THR A 356 15.60 -3.12 2.98
CA THR A 356 14.23 -3.57 3.19
C THR A 356 13.63 -4.08 1.88
N GLU A 357 12.69 -5.00 2.01
CA GLU A 357 11.88 -5.49 0.90
C GLU A 357 10.43 -5.31 1.30
N ARG A 358 9.63 -4.75 0.40
CA ARG A 358 8.21 -4.55 0.65
C ARG A 358 7.46 -5.02 -0.58
N SER A 359 6.36 -5.75 -0.36
CA SER A 359 5.54 -6.24 -1.47
C SER A 359 4.08 -6.18 -1.07
N ALA A 360 3.21 -5.96 -2.06
CA ALA A 360 1.78 -5.98 -1.78
C ALA A 360 1.05 -6.32 -3.07
N ALA A 361 -0.18 -6.81 -2.92
CA ALA A 361 -1.01 -7.07 -4.09
C ALA A 361 -2.46 -6.93 -3.70
N THR A 362 -3.28 -6.56 -4.67
CA THR A 362 -4.71 -6.35 -4.46
C THR A 362 -5.43 -7.07 -5.59
N ALA A 363 -6.47 -7.83 -5.26
CA ALA A 363 -7.31 -8.42 -6.30
C ALA A 363 -8.75 -8.01 -6.08
N LEU A 364 -9.43 -7.67 -7.17
CA LEU A 364 -10.86 -7.34 -7.17
C LEU A 364 -11.57 -8.43 -7.94
N GLU A 365 -12.38 -9.22 -7.24
CA GLU A 365 -13.09 -10.33 -7.85
C GLU A 365 -14.50 -9.89 -8.24
N VAL A 366 -14.92 -10.28 -9.45
CA VAL A 366 -16.11 -9.74 -10.09
C VAL A 366 -16.99 -10.91 -10.55
N LEU A 367 -18.27 -10.86 -10.21
CA LEU A 367 -19.21 -11.91 -10.60
C LEU A 367 -20.19 -11.39 -11.64
N PHE A 368 -20.88 -12.34 -12.28
CA PHE A 368 -21.92 -11.98 -13.24
C PHE A 368 -23.20 -11.53 -12.54
N GLN A 369 -23.98 -10.71 -13.22
CA GLN A 369 -25.30 -10.39 -12.73
C GLN A 369 -26.25 -10.12 -13.86
N ARG B 7 24.81 12.78 21.33
CA ARG B 7 24.38 12.00 22.49
C ARG B 7 22.88 11.67 22.40
N THR B 8 22.33 11.75 21.20
CA THR B 8 20.94 11.42 20.95
C THR B 8 20.82 9.96 20.54
N ILE B 9 19.93 9.22 21.21
CA ILE B 9 19.70 7.81 20.95
C ILE B 9 18.26 7.64 20.45
N VAL B 10 18.10 6.91 19.36
CA VAL B 10 16.79 6.60 18.79
C VAL B 10 16.63 5.08 18.83
N ARG B 11 15.73 4.60 19.69
CA ARG B 11 15.63 3.16 19.99
C ARG B 11 14.23 2.65 19.64
N PHE B 12 14.13 1.93 18.53
CA PHE B 12 12.85 1.34 18.10
C PHE B 12 12.57 0.03 18.83
N ASN B 13 12.38 0.13 20.16
CA ASN B 13 12.11 -1.05 20.99
C ASN B 13 10.68 -1.04 21.54
N ARG B 14 9.79 -0.39 20.81
CA ARG B 14 8.38 -0.25 21.17
C ARG B 14 7.63 0.03 19.87
N PRO B 15 6.30 -0.09 19.87
CA PRO B 15 5.56 0.04 18.60
C PRO B 15 5.89 1.32 17.86
N PHE B 16 5.99 1.20 16.53
CA PHE B 16 6.40 2.32 15.70
C PHE B 16 5.71 2.17 14.34
N LEU B 17 5.73 3.27 13.59
CA LEU B 17 5.12 3.36 12.27
C LEU B 17 6.20 3.64 11.24
N MET B 18 5.99 3.12 10.03
CA MET B 18 6.82 3.44 8.86
C MET B 18 5.90 3.87 7.73
N ILE B 19 6.26 4.96 7.06
CA ILE B 19 5.54 5.40 5.86
C ILE B 19 6.55 5.57 4.75
N ILE B 20 6.39 4.82 3.66
N ILE B 20 6.34 4.88 3.64
CA ILE B 20 7.32 4.78 2.54
CA ILE B 20 7.15 5.04 2.42
C ILE B 20 6.77 5.66 1.43
C ILE B 20 6.38 5.95 1.48
N VAL B 21 7.57 6.63 0.99
N VAL B 21 7.06 7.01 1.00
CA VAL B 21 7.10 7.66 0.07
CA VAL B 21 6.38 8.12 0.36
C VAL B 21 8.01 7.75 -1.14
C VAL B 21 6.97 8.40 -1.01
N ASP B 22 7.46 8.29 -2.22
N ASP B 22 6.17 9.08 -1.83
CA ASP B 22 8.25 8.73 -3.35
CA ASP B 22 6.60 9.51 -3.15
C ASP B 22 8.59 10.20 -3.12
C ASP B 22 6.62 11.03 -3.05
N ASN B 23 9.89 10.53 -3.14
N ASN B 23 7.83 11.57 -3.04
CA ASN B 23 10.33 11.87 -2.79
CA ASN B 23 8.10 13.00 -2.93
C ASN B 23 9.84 12.92 -3.77
C ASN B 23 7.12 13.94 -3.63
N PHE B 24 9.44 12.53 -4.98
N PHE B 24 6.86 13.68 -4.90
CA PHE B 24 9.00 13.47 -5.99
CA PHE B 24 6.01 14.51 -5.75
C PHE B 24 7.49 13.57 -6.11
C PHE B 24 4.48 14.34 -5.71
N THR B 25 6.80 12.43 -6.25
N THR B 25 3.94 13.12 -5.75
CA THR B 25 5.35 12.44 -6.38
CA THR B 25 2.48 12.99 -5.74
C THR B 25 4.63 12.56 -5.05
C THR B 25 1.93 12.90 -4.34
N TRP B 26 5.33 12.37 -3.93
N TRP B 26 2.86 12.72 -3.42
CA TRP B 26 4.76 12.41 -2.58
CA TRP B 26 2.55 12.57 -2.00
C TRP B 26 3.66 11.36 -2.38
C TRP B 26 1.77 11.29 -1.71
N SER B 27 3.66 10.29 -3.17
N SER B 27 1.49 10.49 -2.74
CA SER B 27 2.72 9.21 -2.93
CA SER B 27 0.81 9.22 -2.53
C SER B 27 3.24 8.29 -1.83
C SER B 27 1.69 8.30 -1.68
N ILE B 28 2.33 7.55 -1.21
N ILE B 28 1.04 7.55 -0.79
CA ILE B 28 2.68 6.61 -0.15
CA ILE B 28 1.76 6.68 0.14
C ILE B 28 2.63 5.20 -0.73
C ILE B 28 1.94 5.32 -0.52
N PHE B 29 3.79 4.58 -0.93
N PHE B 29 3.19 4.90 -0.68
CA PHE B 29 3.82 3.22 -1.45
CA PHE B 29 3.48 3.59 -1.28
C PHE B 29 3.33 2.22 -0.42
C PHE B 29 3.06 2.47 -0.32
N PHE B 30 3.71 2.41 0.84
CA PHE B 30 3.45 1.43 1.85
C PHE B 30 3.31 2.14 3.19
N MET B 31 2.57 1.53 4.10
CA MET B 31 2.41 2.04 5.46
CA MET B 31 2.49 2.04 5.45
C MET B 31 2.44 0.86 6.41
N SER B 32 3.17 0.98 7.52
CA SER B 32 3.15 -0.10 8.49
C SER B 32 3.08 0.42 9.92
N LYS B 33 2.43 -0.35 10.76
CA LYS B 33 2.57 -0.20 12.20
C LYS B 33 3.10 -1.52 12.72
N VAL B 34 4.24 -1.47 13.40
CA VAL B 34 4.86 -2.68 13.95
C VAL B 34 4.56 -2.65 15.44
N THR B 35 3.63 -3.50 15.87
CA THR B 35 3.35 -3.63 17.30
C THR B 35 4.09 -4.79 17.94
N ASN B 36 4.51 -5.77 17.15
CA ASN B 36 5.28 -6.91 17.64
C ASN B 36 6.04 -7.54 16.48
N PRO B 37 7.36 -7.32 16.42
CA PRO B 37 8.11 -7.81 15.25
C PRO B 37 8.27 -9.31 15.25
N LYS B 38 7.95 -10.01 16.33
CA LYS B 38 7.89 -11.46 16.32
C LYS B 38 6.50 -12.01 16.04
N GLN B 39 5.47 -11.15 16.03
CA GLN B 39 4.08 -11.57 15.89
C GLN B 39 3.88 -12.28 14.56
N ALA B 40 3.62 -13.59 14.60
CA ALA B 40 3.37 -14.36 13.39
C ALA B 40 1.95 -14.13 12.89
C1 EDO C . -9.33 -7.48 6.79
O1 EDO C . -10.17 -8.63 6.66
C2 EDO C . -10.12 -6.37 7.49
O2 EDO C . -9.46 -5.11 7.27
C1 EDO D . 20.13 4.66 6.90
O1 EDO D . 20.34 4.26 5.54
C2 EDO D . 20.39 6.16 7.03
O2 EDO D . 19.61 6.86 6.06
C1 EDO E . 13.82 2.14 2.04
O1 EDO E . 14.63 2.13 3.23
C2 EDO E . 13.10 3.47 1.92
O2 EDO E . 13.36 4.04 0.63
C1 DM2 F . 4.00 13.17 1.78
C2 DM2 F . 2.73 13.59 2.17
C3 DM2 F . 2.53 14.92 2.50
C4 DM2 F . 3.59 15.82 2.45
O4 DM2 F . 3.42 17.14 2.77
C5 DM2 F . 4.88 15.41 2.07
C6 DM2 F . 6.01 16.35 2.01
O6 DM2 F . 5.89 17.54 2.29
C7 DM2 F . 7.32 15.81 1.59
C8 DM2 F . 8.42 16.66 1.52
O8 DM2 F . 8.28 17.97 1.84
C9 DM2 F . 9.68 16.19 1.13
C10 DM2 F . 10.81 17.16 1.07
O10 DM2 F . 11.17 17.43 2.42
C11 DM2 F . 11.99 16.61 0.26
C12 DM2 F . 12.29 15.20 0.79
O12 DM2 F . 12.39 15.32 2.18
C13 DM2 F . 13.62 14.71 0.20
O13 DM2 F . 13.73 14.46 -0.99
C14 DM2 F . 14.77 14.56 1.16
O14 DM2 F . 15.54 15.72 0.99
C15 DM2 F . 11.15 14.28 0.38
C16 DM2 F . 9.85 14.85 0.80
C17 DM2 F . 8.75 14.00 0.88
O17 DM2 F . 8.91 12.69 0.55
C18 DM2 F . 7.49 14.47 1.26
C19 DM2 F . 6.37 13.54 1.32
O19 DM2 F . 6.50 12.36 1.04
C20 DM2 F . 5.05 14.06 1.74
C21 DM2 F . 2.15 17.64 2.41
C1' DM2 F . 11.11 18.80 2.72
C2' DM2 F . 11.25 18.98 4.24
C3' DM2 F . 12.62 18.46 4.70
N3' DM2 F . 12.84 18.78 6.10
C4' DM2 F . 13.73 19.12 3.83
O4' DM2 F . 13.70 20.48 4.09
C5' DM2 F . 13.42 18.82 2.35
O5' DM2 F . 12.17 19.38 2.02
C6' DM2 F . 14.45 19.39 1.39
#